data_3H8R
#
_entry.id   3H8R
#
_cell.length_a   78.080
_cell.length_b   78.080
_cell.length_c   228.710
_cell.angle_alpha   90.00
_cell.angle_beta   90.00
_cell.angle_gamma   120.00
#
_symmetry.space_group_name_H-M   'P 65 2 2'
#
loop_
_entity.id
_entity.type
_entity.pdbx_description
1 polymer 'Alpha-ketoglutarate-dependent dioxygenase alkB homolog 2'
2 polymer "5'-D(*CP*TP*GP*TP*AP*TP*(2YR)P*AP*TP*(6MA)P*GP*CP*G)-3'"
3 polymer "5'-D(*TP*CP*GP*CP*TP*AP*TP*AP*AP*TP*AP*CP*A)-3'"
4 non-polymer GLYCEROL
5 non-polymer 2-AMINO-2-HYDROXYMETHYL-PROPANE-1,3-DIOL
6 water water
#
loop_
_entity_poly.entity_id
_entity_poly.type
_entity_poly.pdbx_seq_one_letter_code
_entity_poly.pdbx_strand_id
1 'polypeptide(L)'
;GSHSWRHIRAEGLDSSYTVLFGKAEADEIFQELEKEVEYFTGALARVQVFGKWHSVPRKQATYGDAGLTYTFSGLTLSPK
PWIPVLERIRDHVSGVTGQTFNFVLINRYKDGSDHIGEHRDDCRELAPGSPIASVSFGASRDFVFRHKDSRGKSPSRRVA
VVRLPLAHGSLLMMNHPTNTHWYHSLPVRKKVLAPRVNLTFRKILLTKK
;
A
2 'polydeoxyribonucleotide' (DC)(DT)(DG)(DT)(DA)(DT)(2YR)(DA)(DT)(6MA)(DG)(DC)(DG) B
3 'polydeoxyribonucleotide' (DT)(DC)(DG)(DC)(DT)(DA)(DT)(DA)(DA)(DT)(DA)(DC)(DA) C
#
# COMPACT_ATOMS: atom_id res chain seq x y z
N HIS A 3 -5.54 10.25 -16.15
CA HIS A 3 -5.43 11.54 -16.92
C HIS A 3 -5.80 12.83 -16.13
N SER A 4 -6.74 12.77 -15.19
CA SER A 4 -6.92 13.93 -14.29
C SER A 4 -6.55 13.58 -12.83
N TRP A 5 -5.56 14.29 -12.32
CA TRP A 5 -4.95 13.91 -11.05
C TRP A 5 -5.18 14.96 -9.98
N ARG A 6 -5.47 14.51 -8.76
CA ARG A 6 -5.38 15.40 -7.62
C ARG A 6 -3.96 15.29 -7.11
N HIS A 7 -3.22 16.40 -7.16
CA HIS A 7 -1.84 16.36 -6.72
C HIS A 7 -1.75 16.69 -5.24
N ILE A 8 -1.04 15.82 -4.52
CA ILE A 8 -0.84 15.91 -3.09
C ILE A 8 0.57 16.39 -2.83
N ARG A 9 0.72 17.64 -2.44
CA ARG A 9 2.06 18.21 -2.30
C ARG A 9 2.25 18.84 -0.93
N ALA A 10 3.47 18.74 -0.43
CA ALA A 10 3.86 19.43 0.77
C ALA A 10 5.37 19.26 0.80
N GLU A 11 6.03 19.72 1.86
CA GLU A 11 7.48 19.61 1.88
C GLU A 11 7.93 18.14 1.83
N GLY A 12 8.60 17.77 0.75
CA GLY A 12 9.16 16.42 0.59
C GLY A 12 8.11 15.37 0.28
N LEU A 13 6.87 15.83 0.08
CA LEU A 13 5.72 14.95 -0.24
C LEU A 13 5.29 15.21 -1.68
N ASP A 14 5.28 14.17 -2.50
CA ASP A 14 4.88 14.28 -3.90
C ASP A 14 4.09 13.05 -4.34
N SER A 15 2.77 13.14 -4.23
CA SER A 15 1.91 12.02 -4.62
C SER A 15 0.76 12.54 -5.44
N SER A 16 0.08 11.64 -6.16
CA SER A 16 -1.06 12.03 -6.95
C SER A 16 -2.14 10.97 -6.86
N TYR A 17 -3.39 11.40 -6.93
CA TYR A 17 -4.52 10.50 -6.71
C TYR A 17 -5.49 10.60 -7.87
N THR A 18 -6.00 9.45 -8.33
CA THR A 18 -6.98 9.42 -9.40
C THR A 18 -7.86 8.18 -9.28
N VAL A 19 -9.02 8.21 -9.92
CA VAL A 19 -9.89 7.04 -9.89
C VAL A 19 -9.78 6.35 -11.24
N LEU A 20 -9.34 5.10 -11.24
CA LEU A 20 -9.04 4.37 -12.47
C LEU A 20 -10.30 3.72 -13.03
N PHE A 21 -11.12 3.20 -12.13
CA PHE A 21 -12.19 2.31 -12.53
C PHE A 21 -13.53 2.79 -11.98
N GLY A 22 -14.58 2.64 -12.78
CA GLY A 22 -15.91 2.94 -12.32
C GLY A 22 -16.35 1.88 -11.35
N LYS A 23 -17.55 2.04 -10.78
CA LYS A 23 -18.02 1.12 -9.74
C LYS A 23 -18.20 -0.32 -10.23
N ALA A 24 -18.79 -0.49 -11.41
CA ALA A 24 -19.07 -1.84 -11.89
C ALA A 24 -17.77 -2.58 -12.11
N GLU A 25 -16.82 -1.94 -12.77
CA GLU A 25 -15.56 -2.60 -13.09
C GLU A 25 -14.79 -2.86 -11.82
N ALA A 26 -14.75 -1.87 -10.93
CA ALA A 26 -14.09 -2.05 -9.62
C ALA A 26 -14.67 -3.21 -8.80
N ASP A 27 -16.00 -3.35 -8.83
CA ASP A 27 -16.66 -4.49 -8.20
C ASP A 27 -16.19 -5.83 -8.78
N GLU A 28 -16.14 -5.95 -10.11
CA GLU A 28 -15.69 -7.21 -10.71
C GLU A 28 -14.27 -7.54 -10.27
N ILE A 29 -13.41 -6.54 -10.28
CA ILE A 29 -12.01 -6.73 -9.93
C ILE A 29 -11.89 -7.12 -8.47
N PHE A 30 -12.68 -6.46 -7.62
CA PHE A 30 -12.68 -6.79 -6.19
C PHE A 30 -13.11 -8.22 -5.97
N GLN A 31 -14.22 -8.61 -6.61
CA GLN A 31 -14.69 -9.99 -6.50
C GLN A 31 -13.62 -10.97 -6.94
N GLU A 32 -12.94 -10.69 -8.05
CA GLU A 32 -11.89 -11.58 -8.54
C GLU A 32 -10.67 -11.64 -7.62
N LEU A 33 -10.29 -10.49 -7.06
CA LEU A 33 -9.24 -10.48 -6.04
C LEU A 33 -9.63 -11.35 -4.83
N GLU A 34 -10.89 -11.27 -4.43
CA GLU A 34 -11.31 -12.04 -3.26
C GLU A 34 -11.29 -13.54 -3.59
N LYS A 35 -11.60 -13.88 -4.84
CA LYS A 35 -11.59 -15.26 -5.26
C LYS A 35 -10.17 -15.82 -5.38
N GLU A 36 -9.25 -15.02 -5.89
CA GLU A 36 -7.97 -15.53 -6.40
C GLU A 36 -6.74 -15.31 -5.51
N VAL A 37 -6.72 -14.23 -4.72
CA VAL A 37 -5.51 -13.92 -3.99
C VAL A 37 -5.34 -14.88 -2.82
N GLU A 38 -4.13 -15.39 -2.67
CA GLU A 38 -3.82 -16.29 -1.56
C GLU A 38 -2.95 -15.53 -0.55
N TYR A 39 -3.46 -15.38 0.66
CA TYR A 39 -2.75 -14.65 1.72
C TYR A 39 -1.89 -15.54 2.60
N PHE A 40 -0.77 -14.98 3.06
CA PHE A 40 0.11 -15.67 4.00
C PHE A 40 -0.58 -15.93 5.32
N THR A 41 -0.19 -17.02 5.98
CA THR A 41 -0.74 -17.39 7.27
C THR A 41 0.38 -17.77 8.23
N GLY A 42 0.05 -17.90 9.51
CA GLY A 42 0.96 -18.54 10.47
C GLY A 42 2.26 -17.78 10.66
N ALA A 43 3.38 -18.50 10.50
CA ALA A 43 4.70 -17.91 10.70
C ALA A 43 5.00 -16.82 9.67
N LEU A 44 4.32 -16.86 8.53
CA LEU A 44 4.50 -15.84 7.52
C LEU A 44 3.56 -14.63 7.70
N ALA A 45 2.93 -14.55 8.87
CA ALA A 45 2.04 -13.41 9.19
C ALA A 45 2.41 -12.80 10.52
N ARG A 46 3.60 -13.11 11.02
CA ARG A 46 4.07 -12.48 12.25
C ARG A 46 5.29 -11.62 12.03
N VAL A 47 5.28 -10.46 12.69
CA VAL A 47 6.37 -9.50 12.59
C VAL A 47 6.88 -9.13 13.97
N GLN A 48 8.08 -8.54 14.01
CA GLN A 48 8.74 -8.20 15.27
C GLN A 48 8.94 -6.69 15.28
N VAL A 49 8.41 -6.02 16.30
CA VAL A 49 8.52 -4.56 16.39
C VAL A 49 8.76 -4.21 17.84
N PHE A 50 9.72 -3.33 18.13
CA PHE A 50 10.04 -2.99 19.53
C PHE A 50 10.27 -4.21 20.42
N GLY A 51 10.87 -5.27 19.88
CA GLY A 51 11.24 -6.42 20.70
C GLY A 51 10.11 -7.40 20.96
N LYS A 52 8.96 -7.21 20.35
CA LYS A 52 7.87 -8.17 20.52
C LYS A 52 7.30 -8.61 19.19
N TRP A 53 6.90 -9.89 19.14
CA TRP A 53 6.31 -10.46 17.93
C TRP A 53 4.78 -10.35 18.00
N HIS A 54 4.17 -10.10 16.84
CA HIS A 54 2.70 -9.92 16.71
C HIS A 54 2.22 -10.53 15.42
N SER A 55 1.03 -11.11 15.43
CA SER A 55 0.41 -11.44 14.15
C SER A 55 -0.11 -10.12 13.53
N VAL A 56 0.09 -9.90 12.24
CA VAL A 56 -0.34 -8.59 11.65
C VAL A 56 -1.86 -8.42 11.70
N PRO A 57 -2.33 -7.19 11.99
CA PRO A 57 -3.80 -6.94 12.12
C PRO A 57 -4.44 -6.69 10.74
N ARG A 58 -4.29 -7.69 9.87
CA ARG A 58 -4.75 -7.64 8.47
C ARG A 58 -4.27 -8.93 7.82
N LYS A 59 -4.47 -9.09 6.51
CA LYS A 59 -3.84 -10.21 5.80
C LYS A 59 -2.90 -9.66 4.74
N GLN A 60 -1.81 -10.37 4.45
CA GLN A 60 -0.85 -9.90 3.42
C GLN A 60 -0.50 -10.99 2.44
N ALA A 61 -0.20 -10.56 1.22
CA ALA A 61 0.27 -11.46 0.18
C ALA A 61 1.28 -10.71 -0.67
N THR A 62 2.22 -11.44 -1.27
CA THR A 62 3.16 -10.86 -2.21
C THR A 62 3.17 -11.70 -3.49
N TYR A 63 3.15 -10.99 -4.61
CA TYR A 63 3.23 -11.61 -5.94
C TYR A 63 4.29 -10.85 -6.71
N GLY A 64 4.90 -11.50 -7.69
CA GLY A 64 5.91 -10.81 -8.48
C GLY A 64 6.82 -11.75 -9.26
N ASP A 65 7.80 -11.19 -9.94
CA ASP A 65 8.77 -11.98 -10.69
C ASP A 65 9.54 -12.92 -9.77
N ALA A 66 9.93 -14.07 -10.30
CA ALA A 66 10.71 -15.05 -9.55
C ALA A 66 12.00 -14.42 -9.02
N GLY A 67 12.43 -14.87 -7.85
CA GLY A 67 13.74 -14.48 -7.33
C GLY A 67 13.76 -13.32 -6.37
N LEU A 68 12.70 -12.51 -6.38
CA LEU A 68 12.63 -11.33 -5.55
C LEU A 68 12.25 -11.74 -4.13
N THR A 69 12.63 -10.92 -3.15
CA THR A 69 12.14 -11.07 -1.79
C THR A 69 11.83 -9.71 -1.20
N TYR A 70 11.05 -9.71 -0.13
CA TYR A 70 10.54 -8.48 0.45
C TYR A 70 10.61 -8.66 1.95
N THR A 71 11.42 -7.84 2.63
CA THR A 71 11.66 -8.05 4.04
C THR A 71 11.35 -6.80 4.84
N PHE A 72 10.63 -6.97 5.94
CA PHE A 72 10.39 -5.87 6.85
C PHE A 72 10.00 -6.42 8.21
N SER A 73 10.35 -5.69 9.26
CA SER A 73 9.95 -6.02 10.64
C SER A 73 10.18 -7.49 10.93
N GLY A 74 11.32 -8.02 10.50
CA GLY A 74 11.76 -9.39 10.87
C GLY A 74 11.09 -10.50 10.09
N LEU A 75 10.33 -10.11 9.07
CA LEU A 75 9.58 -11.06 8.22
C LEU A 75 10.04 -10.96 6.77
N THR A 76 10.38 -12.11 6.19
CA THR A 76 10.75 -12.15 4.78
C THR A 76 9.67 -12.90 4.01
N LEU A 77 9.15 -12.24 2.99
CA LEU A 77 8.09 -12.78 2.15
C LEU A 77 8.63 -13.09 0.75
N SER A 78 8.26 -14.24 0.20
CA SER A 78 8.66 -14.55 -1.18
C SER A 78 7.44 -14.43 -2.08
N PRO A 79 7.64 -13.90 -3.30
CA PRO A 79 6.52 -13.61 -4.18
C PRO A 79 5.94 -14.83 -4.87
N LYS A 80 4.61 -14.97 -4.84
CA LYS A 80 3.96 -15.98 -5.66
C LYS A 80 3.95 -15.52 -7.12
N PRO A 81 4.00 -16.47 -8.06
CA PRO A 81 3.93 -16.07 -9.46
C PRO A 81 2.68 -15.25 -9.80
N TRP A 82 2.84 -14.30 -10.71
CA TRP A 82 1.72 -13.48 -11.15
C TRP A 82 0.49 -14.29 -11.54
N ILE A 83 -0.68 -13.73 -11.27
CA ILE A 83 -1.97 -14.28 -11.74
C ILE A 83 -2.70 -13.23 -12.59
N PRO A 84 -3.58 -13.66 -13.48
CA PRO A 84 -4.23 -12.75 -14.43
C PRO A 84 -4.80 -11.46 -13.85
N VAL A 85 -5.54 -11.55 -12.74
CA VAL A 85 -6.16 -10.36 -12.18
C VAL A 85 -5.08 -9.32 -11.82
N LEU A 86 -3.96 -9.79 -11.29
CA LEU A 86 -2.88 -8.88 -10.88
C LEU A 86 -2.10 -8.34 -12.08
N GLU A 87 -1.93 -9.16 -13.12
CA GLU A 87 -1.28 -8.68 -14.34
C GLU A 87 -2.11 -7.60 -15.02
N ARG A 88 -3.43 -7.79 -15.04
CA ARG A 88 -4.30 -6.81 -15.69
C ARG A 88 -4.21 -5.44 -14.99
N ILE A 89 -4.26 -5.46 -13.67
CA ILE A 89 -4.09 -4.21 -12.91
C ILE A 89 -2.70 -3.60 -13.11
N ARG A 90 -1.66 -4.40 -12.98
CA ARG A 90 -0.29 -3.93 -13.21
C ARG A 90 -0.18 -3.23 -14.54
N ASP A 91 -0.71 -3.88 -15.58
CA ASP A 91 -0.59 -3.38 -16.93
C ASP A 91 -1.43 -2.12 -17.14
N HIS A 92 -2.59 -2.03 -16.50
CA HIS A 92 -3.37 -0.82 -16.62
C HIS A 92 -2.61 0.34 -15.97
N VAL A 93 -2.12 0.14 -14.75
CA VAL A 93 -1.35 1.18 -14.05
C VAL A 93 -0.12 1.61 -14.86
N SER A 94 0.60 0.62 -15.39
CA SER A 94 1.76 0.90 -16.23
C SER A 94 1.38 1.76 -17.44
N GLY A 95 0.25 1.43 -18.07
CA GLY A 95 -0.22 2.17 -19.23
C GLY A 95 -0.55 3.61 -18.88
N VAL A 96 -1.27 3.80 -17.78
CA VAL A 96 -1.69 5.13 -17.34
C VAL A 96 -0.55 5.99 -16.80
N THR A 97 0.50 5.37 -16.26
CA THR A 97 1.56 6.14 -15.61
C THR A 97 2.87 6.21 -16.38
N GLY A 98 3.08 5.26 -17.27
CA GLY A 98 4.36 5.16 -17.97
C GLY A 98 5.45 4.48 -17.14
N GLN A 99 5.09 3.98 -15.96
CA GLN A 99 6.04 3.29 -15.08
C GLN A 99 5.91 1.77 -15.17
N THR A 100 6.92 1.05 -14.73
CA THR A 100 6.88 -0.42 -14.73
C THR A 100 7.10 -0.95 -13.33
N PHE A 101 6.51 -2.11 -13.06
CA PHE A 101 6.56 -2.71 -11.73
C PHE A 101 6.79 -4.20 -11.87
N ASN A 102 7.52 -4.79 -10.92
CA ASN A 102 7.83 -6.22 -10.97
C ASN A 102 7.43 -6.94 -9.70
N PHE A 103 6.61 -6.28 -8.89
CA PHE A 103 6.28 -6.82 -7.58
C PHE A 103 5.02 -6.15 -7.06
N VAL A 104 4.19 -6.88 -6.34
CA VAL A 104 3.06 -6.24 -5.66
C VAL A 104 2.85 -6.81 -4.26
N LEU A 105 2.70 -5.91 -3.29
CA LEU A 105 2.30 -6.26 -1.94
C LEU A 105 0.80 -6.01 -1.82
N ILE A 106 0.08 -6.99 -1.34
CA ILE A 106 -1.33 -6.88 -1.17
C ILE A 106 -1.64 -6.91 0.34
N ASN A 107 -2.32 -5.89 0.82
CA ASN A 107 -2.77 -5.87 2.21
C ASN A 107 -4.28 -5.86 2.19
N ARG A 108 -4.90 -6.79 2.89
CA ARG A 108 -6.36 -6.85 3.00
C ARG A 108 -6.83 -6.54 4.43
N TYR A 109 -7.74 -5.58 4.53
CA TYR A 109 -8.28 -5.08 5.81
C TYR A 109 -9.72 -5.54 5.87
N LYS A 110 -10.00 -6.52 6.72
CA LYS A 110 -11.29 -7.22 6.65
C LYS A 110 -12.44 -6.27 6.98
N ASP A 111 -12.11 -5.28 7.81
CA ASP A 111 -13.04 -4.25 8.23
C ASP A 111 -12.21 -3.14 8.88
N GLY A 112 -12.87 -2.16 9.47
CA GLY A 112 -12.17 -0.96 9.93
C GLY A 112 -11.28 -1.21 11.14
N SER A 113 -11.37 -2.38 11.75
CA SER A 113 -10.50 -2.71 12.89
CA SER A 113 -10.50 -2.71 12.89
C SER A 113 -9.14 -3.24 12.43
N ASP A 114 -9.06 -3.77 11.21
CA ASP A 114 -7.77 -4.15 10.63
C ASP A 114 -7.10 -2.85 10.23
N HIS A 115 -5.79 -2.82 10.34
CA HIS A 115 -5.09 -1.55 10.14
C HIS A 115 -3.62 -1.81 9.85
N ILE A 116 -2.89 -0.75 9.57
CA ILE A 116 -1.44 -0.85 9.45
C ILE A 116 -0.78 0.36 10.09
N GLY A 117 0.30 0.11 10.83
CA GLY A 117 0.96 1.17 11.58
C GLY A 117 1.85 2.06 10.74
N GLU A 118 2.27 3.17 11.34
CA GLU A 118 3.08 4.16 10.66
C GLU A 118 4.40 3.60 10.20
N HIS A 119 4.74 3.81 8.93
CA HIS A 119 6.06 3.42 8.45
C HIS A 119 6.36 4.11 7.13
N ARG A 120 7.65 4.09 6.75
CA ARG A 120 8.06 4.54 5.42
C ARG A 120 8.34 3.35 4.52
N ASP A 121 8.09 3.50 3.23
CA ASP A 121 8.43 2.44 2.31
C ASP A 121 9.82 2.70 1.79
N ASP A 122 10.82 2.40 2.61
CA ASP A 122 12.19 2.66 2.25
C ASP A 122 13.07 1.45 2.50
N CYS A 123 12.65 0.32 1.96
CA CYS A 123 13.48 -0.88 1.79
C CYS A 123 14.80 -0.62 1.12
N ARG A 124 15.81 -1.40 1.47
CA ARG A 124 16.99 -1.51 0.60
C ARG A 124 16.60 -2.12 -0.76
N GLU A 125 15.74 -3.13 -0.76
CA GLU A 125 15.40 -3.81 -2.00
C GLU A 125 14.56 -2.95 -2.97
N LEU A 126 14.07 -1.80 -2.51
CA LEU A 126 13.33 -0.90 -3.39
C LEU A 126 14.28 -0.13 -4.29
N ALA A 127 14.07 -0.23 -5.60
CA ALA A 127 14.88 0.53 -6.57
C ALA A 127 14.87 2.01 -6.23
N PRO A 128 16.06 2.64 -6.15
CA PRO A 128 16.17 4.05 -5.78
C PRO A 128 15.30 4.96 -6.65
N GLY A 129 14.51 5.82 -6.00
CA GLY A 129 13.67 6.80 -6.69
C GLY A 129 12.43 6.28 -7.42
N SER A 130 12.19 4.98 -7.38
CA SER A 130 11.07 4.41 -8.11
C SER A 130 9.74 4.76 -7.44
N PRO A 131 8.68 4.97 -8.24
CA PRO A 131 7.41 5.27 -7.61
C PRO A 131 6.71 4.02 -7.11
N ILE A 132 5.82 4.20 -6.14
CA ILE A 132 4.99 3.11 -5.65
C ILE A 132 3.56 3.40 -6.05
N ALA A 133 2.88 2.42 -6.65
CA ALA A 133 1.51 2.61 -7.12
C ALA A 133 0.56 1.87 -6.19
N SER A 134 -0.29 2.61 -5.52
CA SER A 134 -1.20 2.05 -4.51
C SER A 134 -2.62 2.01 -5.05
N VAL A 135 -3.13 0.81 -5.33
CA VAL A 135 -4.45 0.66 -5.94
C VAL A 135 -5.38 0.01 -4.92
N SER A 136 -6.56 0.61 -4.73
CA SER A 136 -7.48 0.19 -3.66
C SER A 136 -8.82 -0.29 -4.18
N PHE A 137 -9.31 -1.38 -3.62
CA PHE A 137 -10.65 -1.91 -3.94
C PHE A 137 -11.45 -2.22 -2.68
N GLY A 138 -12.76 -2.01 -2.75
CA GLY A 138 -13.62 -2.31 -1.61
C GLY A 138 -13.98 -1.06 -0.83
N ALA A 139 -14.01 -1.17 0.50
CA ALA A 139 -14.39 -0.04 1.34
C ALA A 139 -13.41 1.12 1.26
N SER A 140 -13.91 2.35 1.19
CA SER A 140 -13.03 3.50 1.32
C SER A 140 -12.37 3.46 2.71
N ARG A 141 -11.07 3.77 2.75
CA ARG A 141 -10.37 3.87 4.04
C ARG A 141 -9.53 5.14 4.05
N ASP A 142 -9.41 5.76 5.22
CA ASP A 142 -8.60 6.96 5.38
C ASP A 142 -7.11 6.59 5.43
N PHE A 143 -6.32 7.29 4.63
CA PHE A 143 -4.87 7.07 4.54
C PHE A 143 -4.19 8.35 5.09
N VAL A 144 -3.18 8.17 5.93
CA VAL A 144 -2.57 9.32 6.61
C VAL A 144 -1.05 9.39 6.39
N PHE A 145 -0.59 10.55 5.90
CA PHE A 145 0.83 10.81 5.71
C PHE A 145 1.29 11.71 6.85
N ARG A 146 2.43 11.37 7.45
CA ARG A 146 2.97 12.18 8.53
C ARG A 146 4.46 12.40 8.34
N HIS A 147 4.87 13.65 8.48
CA HIS A 147 6.25 14.01 8.23
C HIS A 147 7.13 13.47 9.35
N LYS A 148 8.27 12.88 8.99
CA LYS A 148 9.17 12.34 10.01
C LYS A 148 9.37 13.29 11.22
N ASP A 149 9.55 14.58 10.96
CA ASP A 149 9.99 15.49 12.00
C ASP A 149 8.88 15.90 12.96
N SER A 150 7.66 15.44 12.73
CA SER A 150 6.54 15.90 13.53
C SER A 150 6.06 14.88 14.55
N ARG A 151 6.92 13.92 14.91
CA ARG A 151 6.51 12.87 15.83
C ARG A 151 7.07 13.04 17.25
N GLY A 152 6.40 12.43 18.24
CA GLY A 152 6.98 12.21 19.58
C GLY A 152 7.10 13.30 20.64
N LYS A 153 5.98 13.70 21.24
CA LYS A 153 5.93 14.56 22.45
C LYS A 153 6.37 16.02 22.32
N SER A 154 7.67 16.24 22.08
CA SER A 154 8.15 17.56 21.69
C SER A 154 8.83 17.45 20.31
N PRO A 155 8.01 17.37 19.25
CA PRO A 155 8.53 17.19 17.91
C PRO A 155 9.46 18.33 17.53
N SER A 156 10.42 18.04 16.65
CA SER A 156 11.34 19.05 16.10
C SER A 156 10.61 20.22 15.46
N ARG A 157 9.56 19.93 14.69
CA ARG A 157 8.70 20.96 14.13
C ARG A 157 7.32 20.38 14.01
N ARG A 158 6.41 21.12 13.40
CA ARG A 158 5.04 20.66 13.33
C ARG A 158 4.46 20.78 11.95
N VAL A 159 4.92 19.91 11.04
CA VAL A 159 4.32 19.84 9.71
C VAL A 159 2.99 19.13 9.86
N ALA A 160 1.94 19.69 9.26
CA ALA A 160 0.60 19.12 9.42
C ALA A 160 0.52 17.76 8.75
N VAL A 161 -0.24 16.85 9.36
CA VAL A 161 -0.56 15.57 8.78
C VAL A 161 -1.35 15.80 7.49
N VAL A 162 -1.19 14.93 6.50
CA VAL A 162 -1.99 14.98 5.30
C VAL A 162 -2.87 13.74 5.24
N ARG A 163 -4.19 13.94 5.13
CA ARG A 163 -5.17 12.85 5.16
C ARG A 163 -5.95 12.77 3.87
N LEU A 164 -6.08 11.55 3.35
N LEU A 164 -6.10 11.56 3.33
CA LEU A 164 -6.81 11.26 2.11
CA LEU A 164 -6.88 11.39 2.11
C LEU A 164 -7.67 10.03 2.27
C LEU A 164 -7.64 10.07 2.16
N PRO A 165 -8.95 10.10 1.88
CA PRO A 165 -9.67 8.85 1.73
C PRO A 165 -9.26 8.18 0.43
N LEU A 166 -8.99 6.88 0.46
CA LEU A 166 -8.69 6.17 -0.79
C LEU A 166 -9.91 5.35 -1.19
N ALA A 167 -10.55 5.73 -2.29
CA ALA A 167 -11.83 5.13 -2.69
C ALA A 167 -11.65 3.84 -3.46
N HIS A 168 -12.72 3.08 -3.55
CA HIS A 168 -12.85 1.90 -4.43
C HIS A 168 -12.43 2.24 -5.86
N GLY A 169 -11.49 1.49 -6.42
CA GLY A 169 -11.05 1.71 -7.81
C GLY A 169 -10.02 2.80 -8.01
N SER A 170 -9.44 3.31 -6.93
CA SER A 170 -8.51 4.43 -7.01
C SER A 170 -7.05 4.05 -7.11
N LEU A 171 -6.25 4.98 -7.60
CA LEU A 171 -4.81 4.87 -7.66
C LEU A 171 -4.17 6.05 -6.94
N LEU A 172 -3.32 5.75 -5.95
CA LEU A 172 -2.46 6.77 -5.34
C LEU A 172 -1.02 6.48 -5.76
N MET A 173 -0.42 7.39 -6.52
CA MET A 173 0.98 7.25 -6.88
C MET A 173 1.80 7.99 -5.85
N MET A 174 2.74 7.29 -5.25
CA MET A 174 3.64 7.93 -4.33
C MET A 174 5.01 8.04 -4.98
N ASN A 175 5.36 9.27 -5.35
CA ASN A 175 6.60 9.51 -6.09
C ASN A 175 7.72 9.95 -5.18
N HIS A 176 8.94 9.68 -5.61
CA HIS A 176 10.10 10.20 -4.92
C HIS A 176 9.91 11.70 -4.70
N PRO A 177 10.36 12.21 -3.54
CA PRO A 177 10.94 11.46 -2.44
C PRO A 177 9.93 11.26 -1.31
N THR A 178 8.65 11.07 -1.65
CA THR A 178 7.60 10.99 -0.63
C THR A 178 8.03 10.04 0.50
N ASN A 179 8.60 8.91 0.11
CA ASN A 179 8.91 7.84 1.06
C ASN A 179 10.23 7.96 1.78
N THR A 180 10.96 9.02 1.52
CA THR A 180 12.15 9.29 2.30
C THR A 180 11.75 10.18 3.49
N HIS A 181 10.74 11.03 3.29
CA HIS A 181 10.40 12.05 4.26
C HIS A 181 9.10 11.84 5.05
N TRP A 182 8.22 10.99 4.53
CA TRP A 182 6.88 10.85 5.12
C TRP A 182 6.57 9.41 5.50
N TYR A 183 6.01 9.25 6.71
CA TYR A 183 5.46 7.97 7.14
C TYR A 183 4.02 7.90 6.64
N HIS A 184 3.49 6.70 6.41
CA HIS A 184 2.06 6.61 6.20
C HIS A 184 1.49 5.47 7.02
N SER A 185 0.17 5.51 7.18
CA SER A 185 -0.53 4.46 7.93
C SER A 185 -1.96 4.39 7.47
N LEU A 186 -2.65 3.34 7.87
CA LEU A 186 -4.08 3.21 7.61
C LEU A 186 -4.72 3.00 8.98
N PRO A 187 -5.18 4.09 9.59
CA PRO A 187 -5.62 3.92 10.98
C PRO A 187 -6.95 3.19 11.11
N VAL A 188 -7.21 2.68 12.31
CA VAL A 188 -8.48 2.02 12.60
C VAL A 188 -9.64 3.00 12.38
N ARG A 189 -10.70 2.50 11.75
CA ARG A 189 -11.90 3.28 11.49
C ARG A 189 -13.06 2.37 11.82
N LYS A 190 -13.50 2.45 13.07
CA LYS A 190 -14.45 1.49 13.61
C LYS A 190 -15.79 1.44 12.88
N LYS A 191 -16.16 2.54 12.21
CA LYS A 191 -17.45 2.55 11.52
C LYS A 191 -17.44 1.79 10.20
N VAL A 192 -16.24 1.53 9.67
CA VAL A 192 -16.13 0.78 8.42
C VAL A 192 -16.35 -0.71 8.65
N LEU A 193 -17.36 -1.29 8.01
CA LEU A 193 -17.73 -2.68 8.27
C LEU A 193 -17.24 -3.64 7.18
N ALA A 194 -16.86 -3.10 6.03
CA ALA A 194 -16.58 -3.93 4.87
C ALA A 194 -15.09 -4.02 4.56
N PRO A 195 -14.71 -5.09 3.83
CA PRO A 195 -13.31 -5.34 3.52
C PRO A 195 -12.72 -4.40 2.49
N ARG A 196 -11.42 -4.18 2.60
CA ARG A 196 -10.67 -3.39 1.62
C ARG A 196 -9.41 -4.17 1.21
N VAL A 197 -9.14 -4.19 -0.09
CA VAL A 197 -7.92 -4.81 -0.57
C VAL A 197 -7.07 -3.72 -1.22
N ASN A 198 -5.84 -3.58 -0.73
CA ASN A 198 -4.93 -2.61 -1.31
C ASN A 198 -3.75 -3.27 -1.98
N LEU A 199 -3.46 -2.87 -3.22
CA LEU A 199 -2.31 -3.37 -3.94
C LEU A 199 -1.26 -2.29 -4.10
N THR A 200 -0.04 -2.55 -3.62
CA THR A 200 1.07 -1.61 -3.84
C THR A 200 2.11 -2.20 -4.78
N PHE A 201 2.11 -1.70 -6.00
CA PHE A 201 3.02 -2.19 -7.02
C PHE A 201 4.35 -1.47 -6.86
N ARG A 202 5.44 -2.21 -7.01
CA ARG A 202 6.76 -1.69 -6.72
C ARG A 202 7.76 -2.19 -7.73
N LYS A 203 8.89 -1.49 -7.83
CA LYS A 203 10.05 -1.98 -8.55
C LYS A 203 11.06 -2.47 -7.52
N ILE A 204 11.24 -3.79 -7.46
CA ILE A 204 12.13 -4.39 -6.48
C ILE A 204 13.39 -4.85 -7.18
N LEU A 205 14.52 -4.65 -6.52
CA LEU A 205 15.81 -5.07 -7.06
C LEU A 205 16.07 -6.51 -6.69
N LEU A 206 16.58 -7.28 -7.65
CA LEU A 206 16.94 -8.67 -7.39
C LEU A 206 18.19 -8.71 -6.53
#